data_6G75
#
_entry.id   6G75
#
_cell.length_a   44.549
_cell.length_b   60.510
_cell.length_c   123.630
_cell.angle_alpha   90.000
_cell.angle_beta   90.900
_cell.angle_gamma   90.000
#
_symmetry.space_group_name_H-M   'P 1 21 1'
#
loop_
_entity.id
_entity.type
_entity.pdbx_description
1 polymer 'Common ancestor of haloalkane dehalogenase and Renilla luciferase (AncHLD-RLuc)'
2 non-polymer 'OXYGEN MOLECULE'
3 non-polymer (4S)-2-METHYL-2,4-PENTANEDIOL
4 non-polymer 2-AMINO-2-HYDROXYMETHYL-PROPANE-1,3-DIOL
5 water water
#
_entity_poly.entity_id   1
_entity_poly.type   'polypeptide(L)'
_entity_poly.pdbx_seq_one_letter_code
;ATGDEWWAKCKQVDVLDSEMSYYDSDPGKHKNTVIFLHGNPTSSYLWRNVIPHVEPLARCLAPDLIGMGKSGKLPNHSYR
FVDHYRYLSAWFDSVNLPEKVTIVCHDWGSGLGFHWCNEHRDRVKGIVHMESVVSPLKGWESFPETARDIFQALRSEAGE
EMVLKKNFFIERLLPSSIMRKLSEEEMDAYREPFVEPGESRRPTLTWPREIPIKGDGPEDVIEIVKSYNKWLSTSKDIPK
LFINADPGFFSNAIKKVTKNWPNQKTVTVKGLHFLQEDSPEEIGEAIADFLNELTK
;
_entity_poly.pdbx_strand_id   A,B
#
# COMPACT_ATOMS: atom_id res chain seq x y z
N ALA A 1 0.11 9.23 -9.32
CA ALA A 1 -0.09 9.63 -7.93
C ALA A 1 -0.84 10.98 -7.81
N THR A 2 -0.41 12.00 -8.56
CA THR A 2 -1.09 13.28 -8.55
C THR A 2 -2.46 13.16 -9.21
N GLY A 3 -3.35 14.08 -8.85
CA GLY A 3 -4.58 14.23 -9.62
C GLY A 3 -4.29 14.48 -11.08
N ASP A 4 -3.34 15.37 -11.37
CA ASP A 4 -2.97 15.66 -12.76
C ASP A 4 -2.55 14.41 -13.50
N GLU A 5 -1.72 13.57 -12.88
CA GLU A 5 -1.25 12.36 -13.53
C GLU A 5 -2.39 11.39 -13.80
N TRP A 6 -3.31 11.27 -12.84
CA TRP A 6 -4.44 10.37 -13.04
C TRP A 6 -5.37 10.88 -14.13
N TRP A 7 -5.78 12.14 -14.06
CA TRP A 7 -6.69 12.65 -15.07
C TRP A 7 -6.02 12.75 -16.45
N ALA A 8 -4.69 12.82 -16.50
CA ALA A 8 -4.02 12.78 -17.79
C ALA A 8 -4.25 11.47 -18.52
N LYS A 9 -4.57 10.40 -17.80
CA LYS A 9 -4.88 9.11 -18.39
C LYS A 9 -6.35 8.97 -18.73
N CYS A 10 -7.17 9.95 -18.40
CA CYS A 10 -8.60 9.88 -18.59
C CYS A 10 -9.01 10.64 -19.86
N LYS A 11 -10.25 10.41 -20.26
CA LYS A 11 -10.81 11.10 -21.42
C LYS A 11 -12.17 11.68 -21.04
N GLN A 12 -12.67 12.57 -21.88
CA GLN A 12 -13.95 13.21 -21.67
C GLN A 12 -14.84 12.96 -22.88
N VAL A 13 -16.12 12.75 -22.61
CA VAL A 13 -17.12 12.57 -23.65
C VAL A 13 -18.33 13.43 -23.28
N ASP A 14 -18.94 14.05 -24.29
CA ASP A 14 -20.22 14.69 -24.06
C ASP A 14 -21.25 13.64 -23.70
N VAL A 15 -22.06 13.91 -22.69
CA VAL A 15 -23.12 13.02 -22.24
C VAL A 15 -24.34 13.87 -21.94
N LEU A 16 -25.46 13.57 -22.59
CA LEU A 16 -26.69 14.34 -22.43
C LEU A 16 -26.40 15.84 -22.57
N ASP A 17 -26.68 16.63 -21.54
CA ASP A 17 -26.49 18.07 -21.61
C ASP A 17 -25.23 18.52 -20.88
N SER A 18 -24.27 17.62 -20.69
CA SER A 18 -23.05 17.94 -19.99
C SER A 18 -21.90 17.09 -20.53
N GLU A 19 -20.88 16.83 -19.72
CA GLU A 19 -19.77 16.01 -20.13
C GLU A 19 -19.34 15.15 -18.94
N MET A 20 -18.77 13.99 -19.24
CA MET A 20 -18.23 13.14 -18.19
C MET A 20 -16.79 12.77 -18.51
N SER A 21 -15.97 12.72 -17.47
CA SER A 21 -14.59 12.25 -17.56
C SER A 21 -14.53 10.79 -17.11
N TYR A 22 -13.68 10.00 -17.75
CA TYR A 22 -13.54 8.61 -17.36
C TYR A 22 -12.19 8.06 -17.76
N TYR A 23 -11.74 7.07 -16.98
CA TYR A 23 -10.59 6.26 -17.34
C TYR A 23 -11.04 5.11 -18.22
N ASP A 24 -10.26 4.82 -19.26
CA ASP A 24 -10.56 3.68 -20.16
C ASP A 24 -9.23 3.11 -20.62
N SER A 25 -8.90 1.91 -20.14
CA SER A 25 -7.61 1.30 -20.47
C SER A 25 -7.52 0.80 -21.91
N ASP A 26 -8.63 0.67 -22.61
CA ASP A 26 -8.56 0.12 -23.97
C ASP A 26 -9.78 0.55 -24.77
N PRO A 27 -9.85 1.80 -25.18
CA PRO A 27 -11.09 2.36 -25.74
C PRO A 27 -11.67 1.55 -26.89
N GLY A 28 -12.98 1.28 -26.80
CA GLY A 28 -13.72 0.65 -27.87
C GLY A 28 -13.64 -0.85 -27.94
N LYS A 29 -12.76 -1.49 -27.17
CA LYS A 29 -12.54 -2.92 -27.31
C LYS A 29 -13.63 -3.70 -26.60
N HIS A 30 -13.99 -4.84 -27.18
CA HIS A 30 -15.03 -5.70 -26.62
C HIS A 30 -14.47 -6.95 -25.95
N LYS A 31 -13.19 -6.93 -25.60
CA LYS A 31 -12.61 -7.94 -24.73
CA LYS A 31 -12.63 -7.97 -24.76
C LYS A 31 -13.26 -7.86 -23.36
N ASN A 32 -12.87 -8.77 -22.47
CA ASN A 32 -13.39 -8.76 -21.10
C ASN A 32 -13.28 -7.35 -20.53
N THR A 33 -14.40 -6.84 -19.97
CA THR A 33 -14.50 -5.44 -19.58
C THR A 33 -15.05 -5.31 -18.17
N VAL A 34 -14.43 -4.43 -17.39
CA VAL A 34 -14.77 -4.20 -15.98
C VAL A 34 -15.02 -2.71 -15.78
N ILE A 35 -16.13 -2.36 -15.11
CA ILE A 35 -16.46 -0.96 -14.83
C ILE A 35 -16.38 -0.74 -13.33
N PHE A 36 -15.61 0.26 -12.93
CA PHE A 36 -15.39 0.64 -11.52
C PHE A 36 -16.18 1.90 -11.21
N LEU A 37 -17.03 1.84 -10.20
CA LEU A 37 -17.94 2.93 -9.84
C LEU A 37 -17.65 3.42 -8.43
N HIS A 38 -17.17 4.67 -8.31
CA HIS A 38 -16.92 5.31 -7.03
C HIS A 38 -18.23 5.88 -6.47
N GLY A 39 -18.15 6.35 -5.23
CA GLY A 39 -19.27 7.01 -4.57
C GLY A 39 -18.88 8.37 -4.00
N ASN A 40 -19.44 8.68 -2.84
CA ASN A 40 -19.31 10.01 -2.26
C ASN A 40 -18.21 10.03 -1.20
N PRO A 41 -17.31 11.04 -1.18
CA PRO A 41 -17.17 12.18 -2.08
C PRO A 41 -15.95 12.03 -2.96
N THR A 42 -15.79 10.87 -3.58
CA THR A 42 -14.58 10.52 -4.28
C THR A 42 -14.76 10.71 -5.79
N SER A 43 -13.97 10.01 -6.58
CA SER A 43 -13.99 10.08 -8.03
C SER A 43 -13.31 8.82 -8.54
N SER A 44 -13.09 8.74 -9.85
CA SER A 44 -12.37 7.61 -10.40
C SER A 44 -10.98 7.48 -9.80
N TYR A 45 -10.41 8.58 -9.29
CA TYR A 45 -9.11 8.55 -8.62
C TYR A 45 -9.06 7.51 -7.52
N LEU A 46 -10.21 7.20 -6.91
CA LEU A 46 -10.28 6.21 -5.84
C LEU A 46 -9.74 4.85 -6.27
N TRP A 47 -9.82 4.54 -7.56
CA TRP A 47 -9.48 3.22 -8.07
C TRP A 47 -8.06 3.15 -8.64
N ARG A 48 -7.28 4.23 -8.53
CA ARG A 48 -6.01 4.34 -9.26
C ARG A 48 -5.02 3.23 -8.90
N ASN A 49 -5.07 2.71 -7.68
CA ASN A 49 -4.13 1.68 -7.23
C ASN A 49 -4.74 0.29 -7.25
N VAL A 50 -6.02 0.20 -7.59
CA VAL A 50 -6.70 -1.09 -7.75
C VAL A 50 -6.65 -1.55 -9.20
N ILE A 51 -6.97 -0.65 -10.12
CA ILE A 51 -7.06 -0.92 -11.55
C ILE A 51 -5.81 -1.59 -12.12
N PRO A 52 -4.59 -1.22 -11.76
CA PRO A 52 -3.39 -1.86 -12.33
C PRO A 52 -3.29 -3.38 -12.12
N HIS A 53 -4.01 -3.89 -11.17
CA HIS A 53 -4.05 -5.32 -10.92
C HIS A 53 -5.03 -6.06 -11.79
N VAL A 54 -5.95 -5.31 -12.36
CA VAL A 54 -6.99 -5.84 -13.17
C VAL A 54 -6.76 -5.64 -14.67
N GLU A 55 -6.15 -4.45 -15.06
CA GLU A 55 -5.89 -4.23 -16.46
C GLU A 55 -5.29 -5.36 -17.28
N PRO A 56 -4.40 -6.13 -16.79
CA PRO A 56 -3.83 -7.19 -17.63
C PRO A 56 -4.91 -8.18 -18.09
N LEU A 57 -6.03 -8.33 -17.41
CA LEU A 57 -7.05 -9.25 -17.71
C LEU A 57 -8.29 -8.63 -18.36
N ALA A 58 -8.39 -7.29 -18.40
CA ALA A 58 -9.64 -6.72 -18.84
C ALA A 58 -9.43 -5.28 -19.24
N ARG A 59 -10.28 -4.83 -20.17
CA ARG A 59 -10.50 -3.40 -20.35
C ARG A 59 -11.16 -2.85 -19.09
N CYS A 60 -10.55 -1.82 -18.52
CA CYS A 60 -11.02 -1.26 -17.27
C CYS A 60 -11.52 0.16 -17.52
N LEU A 61 -12.76 0.42 -17.14
CA LEU A 61 -13.34 1.76 -17.21
C LEU A 61 -13.68 2.26 -15.81
N ALA A 62 -13.52 3.56 -15.61
CA ALA A 62 -13.85 4.17 -14.31
C ALA A 62 -14.33 5.59 -14.54
N PRO A 63 -15.63 5.82 -14.53
CA PRO A 63 -16.14 7.18 -14.75
C PRO A 63 -16.16 8.00 -13.47
N ASP A 64 -16.03 9.31 -13.66
CA ASP A 64 -16.37 10.28 -12.61
C ASP A 64 -17.87 10.55 -12.72
N LEU A 65 -18.60 10.31 -11.63
CA LEU A 65 -20.02 10.65 -11.62
C LEU A 65 -20.23 12.14 -11.92
N ILE A 66 -21.40 12.46 -12.49
CA ILE A 66 -21.67 13.84 -12.85
C ILE A 66 -21.54 14.73 -11.61
N GLY A 67 -20.97 15.92 -11.80
CA GLY A 67 -20.71 16.83 -10.71
C GLY A 67 -19.48 16.50 -9.88
N MET A 68 -18.79 15.40 -10.18
CA MET A 68 -17.68 14.92 -9.38
C MET A 68 -16.47 14.69 -10.27
N GLY A 69 -15.30 14.55 -9.63
CA GLY A 69 -14.07 14.40 -10.36
C GLY A 69 -13.93 15.49 -11.41
N LYS A 70 -13.65 15.08 -12.64
CA LYS A 70 -13.52 16.03 -13.74
C LYS A 70 -14.75 16.05 -14.65
N SER A 71 -15.85 15.45 -14.22
CA SER A 71 -17.11 15.53 -14.96
C SER A 71 -17.75 16.90 -14.77
N GLY A 72 -18.71 17.19 -15.63
CA GLY A 72 -19.31 18.52 -15.64
C GLY A 72 -20.15 18.79 -14.41
N LYS A 73 -20.27 20.09 -14.09
CA LYS A 73 -21.18 20.56 -13.05
C LYS A 73 -22.50 20.94 -13.70
N LEU A 74 -23.61 20.55 -13.06
CA LEU A 74 -24.95 20.81 -13.59
C LEU A 74 -25.50 22.12 -13.05
N PRO A 75 -25.93 23.05 -13.92
CA PRO A 75 -26.32 24.39 -13.44
C PRO A 75 -27.64 24.45 -12.67
N ASN A 76 -28.45 23.40 -12.68
CA ASN A 76 -29.60 23.37 -11.77
C ASN A 76 -29.23 22.82 -10.40
N HIS A 77 -27.98 22.41 -10.21
CA HIS A 77 -27.49 21.87 -8.94
C HIS A 77 -28.31 20.69 -8.44
N SER A 78 -28.89 19.93 -9.37
CA SER A 78 -29.73 18.78 -9.03
C SER A 78 -28.92 17.51 -9.25
N TYR A 79 -28.55 16.87 -8.15
CA TYR A 79 -27.70 15.70 -8.14
C TYR A 79 -28.31 14.59 -7.31
N ARG A 80 -29.61 14.38 -7.45
CA ARG A 80 -30.23 13.26 -6.77
C ARG A 80 -29.82 11.96 -7.45
N PHE A 81 -30.12 10.84 -6.78
CA PHE A 81 -29.82 9.53 -7.35
C PHE A 81 -30.32 9.44 -8.78
N VAL A 82 -31.54 9.92 -9.04
CA VAL A 82 -32.11 9.76 -10.39
C VAL A 82 -31.33 10.58 -11.41
N ASP A 83 -30.78 11.72 -11.00
CA ASP A 83 -29.95 12.52 -11.90
C ASP A 83 -28.65 11.79 -12.22
N HIS A 84 -28.00 11.27 -11.18
CA HIS A 84 -26.79 10.50 -11.39
C HIS A 84 -27.04 9.29 -12.29
N TYR A 85 -28.18 8.61 -12.09
CA TYR A 85 -28.47 7.43 -12.88
C TYR A 85 -28.74 7.79 -14.33
N ARG A 86 -29.46 8.88 -14.57
CA ARG A 86 -29.67 9.36 -15.93
C ARG A 86 -28.33 9.58 -16.63
N TYR A 87 -27.40 10.24 -15.97
CA TYR A 87 -26.09 10.50 -16.57
C TYR A 87 -25.28 9.21 -16.71
N LEU A 88 -25.22 8.40 -15.66
CA LEU A 88 -24.43 7.17 -15.73
C LEU A 88 -24.97 6.22 -16.79
N SER A 89 -26.30 6.11 -16.91
CA SER A 89 -26.86 5.24 -17.92
CA SER A 89 -26.86 5.24 -17.92
C SER A 89 -26.49 5.70 -19.32
N ALA A 90 -26.54 7.01 -19.56
CA ALA A 90 -26.14 7.56 -20.84
C ALA A 90 -24.66 7.33 -21.09
N TRP A 91 -23.84 7.42 -20.03
CA TRP A 91 -22.41 7.14 -20.17
C TRP A 91 -22.17 5.69 -20.58
N PHE A 92 -22.87 4.74 -19.94
CA PHE A 92 -22.74 3.34 -20.33
C PHE A 92 -23.02 3.16 -21.82
N ASP A 93 -24.01 3.87 -22.34
CA ASP A 93 -24.38 3.74 -23.75
C ASP A 93 -23.44 4.51 -24.68
N SER A 94 -22.47 5.25 -24.15
CA SER A 94 -21.59 6.09 -24.93
C SER A 94 -20.19 5.54 -25.08
N VAL A 95 -19.81 4.51 -24.33
CA VAL A 95 -18.41 4.09 -24.28
C VAL A 95 -18.19 2.74 -24.95
N ASN A 96 -19.15 2.29 -25.77
CA ASN A 96 -18.92 1.16 -26.67
C ASN A 96 -18.54 -0.11 -25.89
N LEU A 97 -19.46 -0.54 -25.02
CA LEU A 97 -19.20 -1.68 -24.15
C LEU A 97 -19.52 -2.99 -24.86
N PRO A 98 -18.90 -4.08 -24.42
CA PRO A 98 -19.28 -5.41 -24.94
C PRO A 98 -20.61 -5.86 -24.38
N GLU A 99 -21.07 -7.04 -24.79
CA GLU A 99 -22.43 -7.47 -24.46
C GLU A 99 -22.62 -7.70 -22.97
N LYS A 100 -21.59 -8.15 -22.26
CA LYS A 100 -21.67 -8.28 -20.80
C LYS A 100 -20.43 -7.66 -20.17
N VAL A 101 -20.62 -7.12 -18.96
CA VAL A 101 -19.56 -6.47 -18.22
C VAL A 101 -19.59 -6.92 -16.77
N THR A 102 -18.46 -6.75 -16.09
CA THR A 102 -18.41 -6.89 -14.64
C THR A 102 -18.43 -5.50 -14.01
N ILE A 103 -19.21 -5.34 -12.95
CA ILE A 103 -19.30 -4.08 -12.22
C ILE A 103 -18.55 -4.23 -10.89
N VAL A 104 -17.62 -3.32 -10.63
CA VAL A 104 -16.96 -3.20 -9.33
C VAL A 104 -17.41 -1.88 -8.73
N CYS A 105 -17.95 -1.91 -7.51
CA CYS A 105 -18.64 -0.71 -7.06
C CYS A 105 -18.50 -0.52 -5.55
N HIS A 106 -18.64 0.75 -5.14
CA HIS A 106 -18.38 1.20 -3.77
C HIS A 106 -19.39 2.29 -3.44
N ASP A 107 -19.96 2.23 -2.23
CA ASP A 107 -20.78 3.33 -1.69
C ASP A 107 -21.90 3.64 -2.69
N TRP A 108 -22.13 4.90 -3.05
CA TRP A 108 -23.20 5.22 -3.97
C TRP A 108 -22.94 4.70 -5.37
N GLY A 109 -21.69 4.40 -5.72
CA GLY A 109 -21.45 3.74 -6.99
C GLY A 109 -22.11 2.37 -7.02
N SER A 110 -22.27 1.75 -5.85
CA SER A 110 -22.99 0.48 -5.78
C SER A 110 -24.50 0.69 -5.87
N GLY A 111 -25.03 1.76 -5.27
CA GLY A 111 -26.43 2.08 -5.50
C GLY A 111 -26.74 2.23 -6.98
N LEU A 112 -25.90 3.01 -7.68
CA LEU A 112 -26.11 3.20 -9.10
C LEU A 112 -25.85 1.92 -9.88
N GLY A 113 -24.79 1.20 -9.51
CA GLY A 113 -24.45 -0.02 -10.22
C GLY A 113 -25.47 -1.13 -10.02
N PHE A 114 -25.90 -1.34 -8.78
CA PHE A 114 -26.93 -2.34 -8.52
C PHE A 114 -28.20 -2.02 -9.28
N HIS A 115 -28.61 -0.75 -9.29
CA HIS A 115 -29.79 -0.36 -10.07
C HIS A 115 -29.59 -0.60 -11.56
N TRP A 116 -28.43 -0.20 -12.10
CA TRP A 116 -28.18 -0.45 -13.51
C TRP A 116 -28.25 -1.94 -13.82
N CYS A 117 -27.65 -2.77 -12.96
CA CYS A 117 -27.70 -4.22 -13.18
C CYS A 117 -29.14 -4.72 -13.15
N ASN A 118 -29.94 -4.23 -12.20
CA ASN A 118 -31.32 -4.67 -12.08
C ASN A 118 -32.13 -4.32 -13.32
N GLU A 119 -31.80 -3.21 -13.97
CA GLU A 119 -32.48 -2.76 -15.17
C GLU A 119 -31.87 -3.30 -16.45
N HIS A 120 -30.72 -3.96 -16.37
CA HIS A 120 -30.02 -4.47 -17.54
C HIS A 120 -29.44 -5.85 -17.20
N ARG A 121 -30.32 -6.77 -16.78
CA ARG A 121 -29.87 -8.00 -16.15
C ARG A 121 -29.08 -8.87 -17.11
N ASP A 122 -29.38 -8.81 -18.40
CA ASP A 122 -28.67 -9.62 -19.39
C ASP A 122 -27.34 -9.03 -19.79
N ARG A 123 -26.92 -7.91 -19.19
CA ARG A 123 -25.62 -7.30 -19.47
C ARG A 123 -24.60 -7.59 -18.37
N VAL A 124 -24.96 -8.35 -17.35
CA VAL A 124 -24.16 -8.47 -16.12
C VAL A 124 -23.50 -9.84 -16.07
N LYS A 125 -22.17 -9.87 -16.10
CA LYS A 125 -21.46 -11.13 -15.89
C LYS A 125 -20.95 -11.32 -14.46
N GLY A 126 -20.90 -10.27 -13.64
CA GLY A 126 -20.48 -10.42 -12.25
C GLY A 126 -20.55 -9.05 -11.59
N ILE A 127 -20.60 -9.08 -10.26
CA ILE A 127 -20.64 -7.84 -9.46
C ILE A 127 -19.70 -8.00 -8.29
N VAL A 128 -18.78 -7.06 -8.13
CA VAL A 128 -17.93 -6.96 -6.96
C VAL A 128 -18.36 -5.70 -6.23
N HIS A 129 -18.73 -5.84 -4.97
CA HIS A 129 -19.22 -4.69 -4.22
C HIS A 129 -18.54 -4.61 -2.86
N MET A 130 -18.45 -3.39 -2.34
CA MET A 130 -17.74 -3.14 -1.10
C MET A 130 -18.32 -1.87 -0.49
N GLU A 131 -18.53 -1.89 0.83
CA GLU A 131 -19.11 -0.75 1.55
C GLU A 131 -20.27 -0.15 0.76
N SER A 132 -21.22 -1.03 0.44
CA SER A 132 -22.21 -0.82 -0.60
C SER A 132 -23.59 -0.57 -0.01
N VAL A 133 -24.50 -0.13 -0.86
CA VAL A 133 -25.90 0.15 -0.49
C VAL A 133 -26.72 -1.08 -0.90
N VAL A 134 -26.85 -2.03 0.02
CA VAL A 134 -27.48 -3.30 -0.31
C VAL A 134 -28.96 -3.38 0.08
N SER A 135 -29.46 -2.44 0.88
CA SER A 135 -30.82 -2.52 1.39
CA SER A 135 -30.81 -2.53 1.41
C SER A 135 -31.17 -1.18 2.02
N PRO A 136 -32.45 -0.88 2.15
CA PRO A 136 -32.84 0.32 2.91
C PRO A 136 -32.50 0.11 4.37
N LEU A 137 -32.25 1.22 5.06
CA LEU A 137 -32.09 1.17 6.51
C LEU A 137 -33.47 1.17 7.14
N LYS A 138 -33.69 0.25 8.09
CA LYS A 138 -35.01 0.15 8.71
C LYS A 138 -35.33 1.39 9.56
N GLY A 139 -34.31 2.10 10.02
CA GLY A 139 -34.52 3.32 10.78
C GLY A 139 -33.18 3.91 11.15
N TRP A 140 -33.23 5.09 11.77
CA TRP A 140 -32.00 5.75 12.18
C TRP A 140 -31.23 4.92 13.19
N GLU A 141 -31.93 4.07 13.94
CA GLU A 141 -31.27 3.20 14.91
C GLU A 141 -30.24 2.29 14.25
N SER A 142 -30.42 1.97 12.97
CA SER A 142 -29.50 1.11 12.25
C SER A 142 -28.33 1.85 11.63
N PHE A 143 -28.33 3.18 11.67
CA PHE A 143 -27.14 3.90 11.22
C PHE A 143 -26.07 3.83 12.31
N PRO A 144 -24.81 3.60 11.94
CA PRO A 144 -23.75 3.48 12.95
C PRO A 144 -23.73 4.66 13.91
N GLU A 145 -23.64 4.35 15.21
CA GLU A 145 -23.86 5.34 16.24
C GLU A 145 -22.87 6.49 16.16
N THR A 146 -21.60 6.19 15.85
CA THR A 146 -20.59 7.24 15.87
C THR A 146 -20.79 8.29 14.80
N ALA A 147 -21.55 7.99 13.76
CA ALA A 147 -21.80 8.93 12.67
C ALA A 147 -23.25 9.41 12.62
N ARG A 148 -24.12 8.90 13.50
CA ARG A 148 -25.55 9.16 13.37
C ARG A 148 -25.88 10.64 13.52
N ASP A 149 -25.25 11.33 14.49
CA ASP A 149 -25.55 12.74 14.70
C ASP A 149 -25.10 13.57 13.50
N ILE A 150 -23.94 13.23 12.92
CA ILE A 150 -23.43 13.98 11.78
C ILE A 150 -24.35 13.85 10.59
N PHE A 151 -24.82 12.64 10.30
CA PHE A 151 -25.64 12.45 9.11
C PHE A 151 -27.04 13.02 9.30
N GLN A 152 -27.57 13.00 10.52
CA GLN A 152 -28.82 13.72 10.76
C GLN A 152 -28.65 15.21 10.56
N ALA A 153 -27.48 15.74 10.95
CA ALA A 153 -27.21 17.16 10.70
C ALA A 153 -27.08 17.45 9.22
N LEU A 154 -26.39 16.57 8.47
CA LEU A 154 -26.28 16.75 7.03
C LEU A 154 -27.65 16.75 6.36
N ARG A 155 -28.58 15.94 6.88
CA ARG A 155 -29.91 15.85 6.28
C ARG A 155 -30.85 16.95 6.77
N SER A 156 -30.42 17.75 7.72
CA SER A 156 -31.20 18.88 8.21
C SER A 156 -30.80 20.14 7.44
N GLU A 157 -31.43 21.25 7.81
CA GLU A 157 -31.09 22.54 7.20
C GLU A 157 -29.64 22.94 7.46
N ALA A 158 -29.00 22.33 8.45
CA ALA A 158 -27.60 22.67 8.73
C ALA A 158 -26.66 22.13 7.67
N GLY A 159 -27.15 21.24 6.79
CA GLY A 159 -26.27 20.59 5.84
C GLY A 159 -25.61 21.55 4.88
N GLU A 160 -26.34 22.61 4.50
CA GLU A 160 -25.80 23.54 3.50
C GLU A 160 -24.56 24.25 4.00
N GLU A 161 -24.58 24.76 5.24
CA GLU A 161 -23.37 25.37 5.76
C GLU A 161 -22.26 24.35 5.97
N MET A 162 -22.60 23.16 6.47
CA MET A 162 -21.58 22.13 6.68
C MET A 162 -20.83 21.84 5.38
N VAL A 163 -21.55 21.69 4.28
CA VAL A 163 -20.95 21.19 3.05
C VAL A 163 -20.61 22.31 2.09
N LEU A 164 -21.59 23.13 1.73
CA LEU A 164 -21.34 24.14 0.71
C LEU A 164 -20.31 25.15 1.18
N LYS A 165 -20.38 25.54 2.46
CA LYS A 165 -19.42 26.51 2.97
C LYS A 165 -18.15 25.87 3.52
N LYS A 166 -18.28 24.82 4.33
CA LYS A 166 -17.13 24.27 5.05
C LYS A 166 -16.58 22.98 4.47
N ASN A 167 -17.20 22.42 3.42
CA ASN A 167 -16.65 21.24 2.74
C ASN A 167 -16.49 20.06 3.69
N PHE A 168 -17.51 19.84 4.53
CA PHE A 168 -17.41 18.87 5.62
C PHE A 168 -17.11 17.46 5.14
N PHE A 169 -17.71 17.04 4.03
N PHE A 169 -17.71 17.04 4.03
CA PHE A 169 -17.52 15.65 3.59
CA PHE A 169 -17.52 15.67 3.58
C PHE A 169 -16.08 15.41 3.13
C PHE A 169 -16.09 15.42 3.13
N ILE A 170 -15.50 16.38 2.41
CA ILE A 170 -14.12 16.24 1.94
C ILE A 170 -13.14 16.40 3.11
N GLU A 171 -13.33 17.42 3.92
CA GLU A 171 -12.28 17.78 4.87
C GLU A 171 -12.34 16.98 6.17
N ARG A 172 -13.49 16.45 6.53
CA ARG A 172 -13.63 15.74 7.80
C ARG A 172 -13.98 14.27 7.62
N LEU A 173 -15.03 13.97 6.84
CA LEU A 173 -15.49 12.59 6.79
C LEU A 173 -14.54 11.71 5.98
N LEU A 174 -14.03 12.23 4.86
CA LEU A 174 -13.12 11.42 4.03
C LEU A 174 -11.87 11.00 4.79
N PRO A 175 -11.08 11.91 5.39
CA PRO A 175 -9.89 11.43 6.11
C PRO A 175 -10.24 10.61 7.34
N SER A 176 -11.40 10.83 7.95
CA SER A 176 -11.78 10.05 9.12
C SER A 176 -12.01 8.58 8.80
N SER A 177 -12.28 8.24 7.54
CA SER A 177 -12.55 6.86 7.18
C SER A 177 -11.47 6.29 6.26
N ILE A 178 -10.25 6.80 6.40
CA ILE A 178 -9.04 6.22 5.83
C ILE A 178 -8.10 5.95 6.99
N MET A 179 -7.56 4.73 7.07
CA MET A 179 -6.71 4.40 8.23
C MET A 179 -5.35 5.07 8.15
N ARG A 180 -4.75 5.11 6.96
CA ARG A 180 -3.51 5.82 6.77
C ARG A 180 -3.78 7.31 6.59
N LYS A 181 -2.70 8.09 6.57
CA LYS A 181 -2.77 9.52 6.32
C LYS A 181 -2.48 9.73 4.83
N LEU A 182 -3.41 10.36 4.12
CA LEU A 182 -3.16 10.63 2.71
C LEU A 182 -2.03 11.64 2.56
N SER A 183 -1.27 11.50 1.48
CA SER A 183 -0.28 12.52 1.17
C SER A 183 -0.98 13.81 0.75
N GLU A 184 -0.23 14.91 0.71
CA GLU A 184 -0.82 16.17 0.29
C GLU A 184 -1.35 16.07 -1.13
N GLU A 185 -0.62 15.38 -2.00
CA GLU A 185 -1.03 15.25 -3.39
C GLU A 185 -2.31 14.43 -3.52
N GLU A 186 -2.45 13.38 -2.70
CA GLU A 186 -3.67 12.57 -2.74
C GLU A 186 -4.86 13.35 -2.21
N MET A 187 -4.68 14.04 -1.09
CA MET A 187 -5.77 14.84 -0.54
C MET A 187 -6.18 15.94 -1.52
N ASP A 188 -5.19 16.55 -2.19
CA ASP A 188 -5.52 17.59 -3.15
C ASP A 188 -6.28 17.04 -4.35
N ALA A 189 -6.03 15.78 -4.73
CA ALA A 189 -6.81 15.18 -5.82
C ALA A 189 -8.27 15.04 -5.42
N TYR A 190 -8.54 14.70 -4.18
CA TYR A 190 -9.92 14.63 -3.71
C TYR A 190 -10.54 16.01 -3.55
N ARG A 191 -9.73 17.00 -3.17
CA ARG A 191 -10.23 18.36 -3.01
C ARG A 191 -10.55 19.02 -4.35
N GLU A 192 -9.82 18.67 -5.40
CA GLU A 192 -9.85 19.45 -6.64
C GLU A 192 -11.24 19.72 -7.21
N PRO A 193 -12.16 18.75 -7.29
CA PRO A 193 -13.49 19.05 -7.86
C PRO A 193 -14.33 19.99 -7.03
N PHE A 194 -13.90 20.29 -5.79
CA PHE A 194 -14.72 20.99 -4.81
C PHE A 194 -14.00 22.18 -4.19
N VAL A 195 -12.98 22.71 -4.88
CA VAL A 195 -12.16 23.78 -4.30
CA VAL A 195 -12.17 23.77 -4.29
C VAL A 195 -12.95 25.05 -4.11
N GLU A 196 -13.91 25.33 -5.00
CA GLU A 196 -14.65 26.57 -4.93
C GLU A 196 -15.84 26.41 -3.99
N PRO A 197 -15.94 27.22 -2.93
CA PRO A 197 -17.09 27.10 -2.03
C PRO A 197 -18.39 27.38 -2.78
N GLY A 198 -19.47 26.72 -2.33
CA GLY A 198 -20.79 26.92 -2.91
C GLY A 198 -21.30 25.66 -3.58
N GLU A 199 -22.04 25.85 -4.67
CA GLU A 199 -22.81 24.75 -5.27
C GLU A 199 -21.95 23.70 -5.94
N SER A 200 -20.68 23.98 -6.21
N SER A 200 -20.68 23.98 -6.21
CA SER A 200 -19.80 22.93 -6.71
CA SER A 200 -19.79 22.94 -6.72
C SER A 200 -19.79 21.74 -5.78
C SER A 200 -19.76 21.74 -5.78
N ARG A 201 -19.99 21.97 -4.49
CA ARG A 201 -19.97 20.93 -3.47
C ARG A 201 -21.33 20.25 -3.28
N ARG A 202 -22.37 20.69 -3.98
CA ARG A 202 -23.69 20.11 -3.80
C ARG A 202 -23.74 18.59 -3.93
N PRO A 203 -23.02 17.93 -4.85
CA PRO A 203 -23.10 16.46 -4.89
C PRO A 203 -22.74 15.81 -3.57
N THR A 204 -21.80 16.37 -2.82
CA THR A 204 -21.40 15.74 -1.58
C THR A 204 -22.40 15.97 -0.45
N LEU A 205 -23.34 16.92 -0.62
CA LEU A 205 -24.43 17.11 0.32
C LEU A 205 -25.69 16.33 -0.08
N THR A 206 -25.98 16.28 -1.38
CA THR A 206 -27.18 15.57 -1.77
C THR A 206 -27.04 14.07 -1.56
N TRP A 207 -25.83 13.54 -1.75
CA TRP A 207 -25.64 12.10 -1.52
C TRP A 207 -26.11 11.63 -0.14
N PRO A 208 -25.68 12.23 0.98
CA PRO A 208 -26.21 11.74 2.27
C PRO A 208 -27.71 11.94 2.42
N ARG A 209 -28.28 12.92 1.73
CA ARG A 209 -29.71 13.14 1.76
C ARG A 209 -30.48 12.09 0.94
N GLU A 210 -29.79 11.26 0.16
CA GLU A 210 -30.41 10.18 -0.60
C GLU A 210 -30.39 8.82 0.11
N ILE A 211 -29.65 8.71 1.21
CA ILE A 211 -29.59 7.45 1.96
C ILE A 211 -30.99 6.95 2.26
N PRO A 212 -31.34 5.73 1.87
CA PRO A 212 -32.73 5.26 2.03
C PRO A 212 -33.03 4.83 3.46
N ILE A 213 -33.70 5.68 4.22
CA ILE A 213 -34.00 5.42 5.62
C ILE A 213 -35.50 5.23 5.77
N LYS A 214 -35.91 4.00 6.08
CA LYS A 214 -37.33 3.69 6.25
C LYS A 214 -37.96 4.62 7.26
N GLY A 215 -39.19 5.05 6.99
CA GLY A 215 -39.89 5.99 7.86
C GLY A 215 -39.45 7.43 7.71
N ASP A 216 -38.36 7.69 6.99
CA ASP A 216 -37.86 9.04 6.76
C ASP A 216 -37.94 9.38 5.27
N GLY A 217 -37.19 8.65 4.45
CA GLY A 217 -37.11 8.93 3.03
C GLY A 217 -35.69 8.88 2.55
N PRO A 218 -35.46 9.20 1.27
CA PRO A 218 -36.50 9.57 0.30
C PRO A 218 -37.20 8.34 -0.27
N GLU A 219 -38.50 8.45 -0.52
CA GLU A 219 -39.26 7.26 -0.89
C GLU A 219 -38.82 6.70 -2.24
N ASP A 220 -38.41 7.56 -3.18
CA ASP A 220 -38.03 7.04 -4.50
C ASP A 220 -36.77 6.19 -4.41
N VAL A 221 -35.79 6.60 -3.59
CA VAL A 221 -34.58 5.80 -3.43
C VAL A 221 -34.89 4.52 -2.69
N ILE A 222 -35.74 4.60 -1.66
CA ILE A 222 -36.13 3.39 -0.95
C ILE A 222 -36.71 2.36 -1.91
N GLU A 223 -37.60 2.79 -2.81
CA GLU A 223 -38.21 1.84 -3.74
C GLU A 223 -37.17 1.25 -4.69
N ILE A 224 -36.24 2.08 -5.17
CA ILE A 224 -35.19 1.59 -6.08
C ILE A 224 -34.32 0.55 -5.38
N VAL A 225 -33.92 0.84 -4.14
CA VAL A 225 -33.05 -0.07 -3.40
C VAL A 225 -33.79 -1.35 -3.03
N LYS A 226 -35.05 -1.23 -2.62
CA LYS A 226 -35.84 -2.43 -2.35
C LYS A 226 -35.92 -3.31 -3.59
N SER A 227 -36.08 -2.70 -4.76
CA SER A 227 -36.24 -3.49 -5.97
C SER A 227 -34.96 -4.24 -6.31
N TYR A 228 -33.81 -3.57 -6.27
CA TYR A 228 -32.60 -4.30 -6.61
C TYR A 228 -32.17 -5.24 -5.51
N ASN A 229 -32.51 -4.94 -4.26
CA ASN A 229 -32.23 -5.88 -3.18
C ASN A 229 -33.00 -7.17 -3.40
N LYS A 230 -34.27 -7.07 -3.81
CA LYS A 230 -35.05 -8.26 -4.12
C LYS A 230 -34.40 -9.08 -5.23
N TRP A 231 -33.95 -8.40 -6.30
CA TRP A 231 -33.30 -9.12 -7.40
C TRP A 231 -31.99 -9.75 -6.95
N LEU A 232 -31.14 -8.98 -6.25
CA LEU A 232 -29.84 -9.51 -5.83
C LEU A 232 -30.00 -10.72 -4.92
N SER A 233 -30.97 -10.69 -4.01
CA SER A 233 -31.09 -11.75 -3.01
C SER A 233 -31.50 -13.09 -3.62
N THR A 234 -31.95 -13.12 -4.87
CA THR A 234 -32.28 -14.37 -5.54
C THR A 234 -31.49 -14.54 -6.85
N SER A 235 -30.40 -13.79 -7.01
CA SER A 235 -29.64 -13.77 -8.26
C SER A 235 -28.63 -14.93 -8.33
N LYS A 236 -29.17 -16.15 -8.31
CA LYS A 236 -28.31 -17.32 -8.22
C LYS A 236 -27.39 -17.49 -9.42
N ASP A 237 -27.70 -16.86 -10.56
CA ASP A 237 -26.88 -17.00 -11.75
C ASP A 237 -25.89 -15.85 -11.95
N ILE A 238 -25.83 -14.88 -11.05
CA ILE A 238 -24.91 -13.76 -11.14
C ILE A 238 -23.80 -13.97 -10.10
N PRO A 239 -22.57 -14.29 -10.51
CA PRO A 239 -21.49 -14.39 -9.53
C PRO A 239 -21.26 -13.04 -8.86
N LYS A 240 -21.11 -13.07 -7.54
CA LYS A 240 -20.91 -11.85 -6.76
C LYS A 240 -19.74 -12.03 -5.82
N LEU A 241 -19.00 -10.95 -5.60
CA LEU A 241 -17.92 -10.94 -4.64
C LEU A 241 -18.15 -9.74 -3.74
N PHE A 242 -18.25 -9.99 -2.44
CA PHE A 242 -18.35 -8.96 -1.42
C PHE A 242 -16.96 -8.80 -0.82
N ILE A 243 -16.37 -7.62 -0.98
CA ILE A 243 -15.10 -7.32 -0.32
C ILE A 243 -15.44 -6.63 0.99
N ASN A 244 -15.30 -7.39 2.08
CA ASN A 244 -15.58 -6.94 3.43
C ASN A 244 -14.39 -6.17 3.98
N ALA A 245 -14.66 -5.00 4.58
CA ALA A 245 -13.63 -4.17 5.17
C ALA A 245 -13.60 -4.39 6.68
N ASP A 246 -12.40 -4.59 7.23
CA ASP A 246 -12.21 -4.85 8.65
C ASP A 246 -11.43 -3.68 9.22
N PRO A 247 -12.01 -2.84 10.10
CA PRO A 247 -13.36 -3.03 10.68
C PRO A 247 -14.50 -2.46 9.84
N GLY A 248 -14.18 -1.65 8.82
CA GLY A 248 -15.20 -1.12 7.95
C GLY A 248 -16.10 -0.08 8.63
N PHE A 249 -17.17 0.27 7.91
CA PHE A 249 -18.21 1.15 8.43
C PHE A 249 -19.56 0.46 8.30
N PHE A 250 -20.00 0.21 7.07
CA PHE A 250 -21.22 -0.55 6.85
C PHE A 250 -20.95 -2.03 6.63
N SER A 251 -19.69 -2.45 6.53
CA SER A 251 -19.36 -3.84 6.20
C SER A 251 -20.06 -4.84 7.12
N ASN A 252 -20.02 -4.59 8.43
CA ASN A 252 -20.64 -5.53 9.36
C ASN A 252 -22.13 -5.72 9.06
N ALA A 253 -22.83 -4.63 8.74
CA ALA A 253 -24.25 -4.75 8.41
C ALA A 253 -24.44 -5.44 7.06
N ILE A 254 -23.56 -5.18 6.10
CA ILE A 254 -23.69 -5.81 4.79
C ILE A 254 -23.51 -7.32 4.90
N LYS A 255 -22.57 -7.77 5.75
CA LYS A 255 -22.39 -9.19 5.97
C LYS A 255 -23.69 -9.86 6.37
N LYS A 256 -24.44 -9.23 7.27
CA LYS A 256 -25.69 -9.82 7.73
C LYS A 256 -26.77 -9.76 6.65
N VAL A 257 -26.91 -8.61 6.00
CA VAL A 257 -27.97 -8.46 4.98
C VAL A 257 -27.79 -9.48 3.86
N THR A 258 -26.54 -9.74 3.45
CA THR A 258 -26.28 -10.56 2.28
C THR A 258 -25.90 -12.00 2.62
N LYS A 259 -26.09 -12.43 3.87
CA LYS A 259 -25.57 -13.74 4.28
C LYS A 259 -26.19 -14.88 3.50
N ASN A 260 -27.44 -14.74 3.06
CA ASN A 260 -28.11 -15.79 2.32
C ASN A 260 -28.19 -15.49 0.82
N TRP A 261 -27.50 -14.47 0.34
CA TRP A 261 -27.50 -14.20 -1.09
C TRP A 261 -26.80 -15.34 -1.83
N PRO A 262 -27.38 -15.89 -2.88
CA PRO A 262 -26.76 -17.01 -3.59
C PRO A 262 -25.63 -16.52 -4.47
N ASN A 263 -24.65 -17.40 -4.67
CA ASN A 263 -23.54 -17.13 -5.59
C ASN A 263 -22.74 -15.90 -5.17
N GLN A 264 -22.52 -15.72 -3.87
CA GLN A 264 -21.68 -14.64 -3.38
C GLN A 264 -20.54 -15.21 -2.54
N LYS A 265 -19.32 -14.81 -2.88
CA LYS A 265 -18.14 -15.11 -2.08
C LYS A 265 -17.72 -13.84 -1.36
N THR A 266 -17.04 -13.99 -0.22
CA THR A 266 -16.56 -12.86 0.56
C THR A 266 -15.06 -12.97 0.75
N VAL A 267 -14.38 -11.84 0.58
CA VAL A 267 -12.97 -11.68 0.92
CA VAL A 267 -12.97 -11.71 0.96
C VAL A 267 -12.88 -10.51 1.90
N THR A 268 -11.99 -10.60 2.87
CA THR A 268 -11.85 -9.54 3.86
C THR A 268 -10.50 -8.85 3.69
N VAL A 269 -10.51 -7.52 3.72
CA VAL A 269 -9.31 -6.71 3.69
C VAL A 269 -9.39 -5.67 4.79
N LYS A 270 -8.22 -5.13 5.14
CA LYS A 270 -8.15 -4.10 6.16
C LYS A 270 -8.64 -2.77 5.60
N GLY A 271 -9.49 -2.08 6.35
CA GLY A 271 -9.94 -0.77 5.93
C GLY A 271 -11.12 -0.28 6.73
N LEU A 272 -11.38 1.02 6.64
CA LEU A 272 -12.61 1.61 7.12
C LEU A 272 -13.55 1.74 5.93
N HIS A 273 -14.27 2.85 5.79
CA HIS A 273 -15.19 2.95 4.66
C HIS A 273 -14.44 3.05 3.34
N PHE A 274 -13.38 3.85 3.26
CA PHE A 274 -12.64 4.05 2.01
C PHE A 274 -11.50 3.05 1.89
N LEU A 275 -11.90 1.77 1.84
CA LEU A 275 -10.96 0.66 1.95
C LEU A 275 -9.92 0.65 0.83
N GLN A 276 -10.26 1.21 -0.34
CA GLN A 276 -9.31 1.27 -1.45
C GLN A 276 -8.06 2.04 -1.10
N GLU A 277 -8.12 2.94 -0.13
CA GLU A 277 -6.93 3.69 0.25
C GLU A 277 -6.03 2.92 1.20
N ASP A 278 -6.56 1.89 1.86
CA ASP A 278 -5.75 1.12 2.79
C ASP A 278 -5.31 -0.23 2.25
N SER A 279 -6.13 -0.88 1.43
CA SER A 279 -5.79 -2.20 0.90
C SER A 279 -6.01 -2.32 -0.60
N PRO A 280 -5.46 -1.39 -1.40
CA PRO A 280 -5.70 -1.49 -2.86
C PRO A 280 -5.12 -2.75 -3.47
N GLU A 281 -3.99 -3.24 -2.96
CA GLU A 281 -3.37 -4.43 -3.53
C GLU A 281 -4.25 -5.66 -3.34
N GLU A 282 -4.71 -5.89 -2.11
CA GLU A 282 -5.55 -7.06 -1.87
C GLU A 282 -6.89 -6.96 -2.59
N ILE A 283 -7.43 -5.73 -2.71
CA ILE A 283 -8.68 -5.55 -3.45
C ILE A 283 -8.48 -5.88 -4.93
N GLY A 284 -7.43 -5.31 -5.54
CA GLY A 284 -7.17 -5.62 -6.93
C GLY A 284 -6.91 -7.09 -7.18
N GLU A 285 -6.13 -7.75 -6.30
CA GLU A 285 -5.87 -9.18 -6.45
C GLU A 285 -7.15 -9.99 -6.32
N ALA A 286 -8.04 -9.59 -5.41
CA ALA A 286 -9.31 -10.31 -5.25
C ALA A 286 -10.18 -10.18 -6.49
N ILE A 287 -10.19 -9.00 -7.11
CA ILE A 287 -10.95 -8.82 -8.33
C ILE A 287 -10.36 -9.64 -9.46
N ALA A 288 -9.03 -9.64 -9.58
CA ALA A 288 -8.38 -10.43 -10.62
C ALA A 288 -8.71 -11.91 -10.47
N ASP A 289 -8.69 -12.43 -9.24
CA ASP A 289 -9.03 -13.82 -9.02
C ASP A 289 -10.48 -14.10 -9.41
N PHE A 290 -11.37 -13.17 -9.08
CA PHE A 290 -12.78 -13.31 -9.41
C PHE A 290 -12.99 -13.35 -10.92
N LEU A 291 -12.29 -12.50 -11.65
CA LEU A 291 -12.40 -12.50 -13.10
C LEU A 291 -11.87 -13.79 -13.69
N ASN A 292 -10.76 -14.29 -13.15
CA ASN A 292 -10.18 -15.53 -13.67
C ASN A 292 -11.13 -16.69 -13.48
N GLU A 293 -11.85 -16.71 -12.34
CA GLU A 293 -12.81 -17.79 -12.11
C GLU A 293 -13.93 -17.76 -13.14
N LEU A 294 -14.38 -16.57 -13.54
CA LEU A 294 -15.39 -16.46 -14.59
C LEU A 294 -14.86 -17.05 -15.89
N THR A 295 -13.64 -16.66 -16.29
CA THR A 295 -13.02 -17.25 -17.47
C THR A 295 -12.68 -18.72 -17.26
N LYS A 296 -12.70 -19.20 -16.02
CA LYS A 296 -12.32 -20.55 -15.64
C LYS A 296 -10.84 -20.83 -15.91
N ALA B 1 27.91 11.03 -6.01
CA ALA B 1 28.99 10.75 -5.07
C ALA B 1 29.64 9.39 -5.35
N THR B 2 30.95 9.39 -5.45
CA THR B 2 31.68 8.14 -5.62
C THR B 2 31.71 7.37 -4.31
N GLY B 3 32.06 6.09 -4.39
CA GLY B 3 32.29 5.33 -3.18
C GLY B 3 33.38 5.95 -2.32
N ASP B 4 34.47 6.40 -2.95
CA ASP B 4 35.57 7.01 -2.21
C ASP B 4 35.11 8.23 -1.42
N GLU B 5 34.20 9.01 -2.00
CA GLU B 5 33.68 10.19 -1.31
C GLU B 5 32.83 9.79 -0.11
N TRP B 6 32.00 8.75 -0.28
CA TRP B 6 31.17 8.29 0.83
C TRP B 6 32.02 7.73 1.96
N TRP B 7 32.95 6.83 1.63
CA TRP B 7 33.76 6.22 2.68
C TRP B 7 34.72 7.22 3.32
N ALA B 8 35.06 8.31 2.63
CA ALA B 8 35.85 9.36 3.26
C ALA B 8 35.11 10.03 4.41
N LYS B 9 33.78 9.96 4.42
CA LYS B 9 32.97 10.49 5.52
C LYS B 9 32.78 9.47 6.64
N CYS B 10 33.24 8.24 6.47
CA CYS B 10 33.03 7.18 7.42
C CYS B 10 34.27 7.01 8.28
N LYS B 11 34.12 6.27 9.36
CA LYS B 11 35.22 5.94 10.24
C LYS B 11 35.28 4.44 10.43
N GLN B 12 36.38 3.97 10.99
CA GLN B 12 36.58 2.55 11.25
C GLN B 12 36.91 2.35 12.71
N VAL B 13 36.39 1.27 13.29
CA VAL B 13 36.63 0.90 14.68
C VAL B 13 36.94 -0.59 14.73
N ASP B 14 37.87 -0.96 15.59
CA ASP B 14 38.09 -2.38 15.86
C ASP B 14 36.86 -2.94 16.56
N VAL B 15 36.40 -4.09 16.08
CA VAL B 15 35.23 -4.77 16.65
C VAL B 15 35.59 -6.24 16.74
N LEU B 16 35.49 -6.81 17.94
CA LEU B 16 35.83 -8.21 18.17
C LEU B 16 37.19 -8.53 17.55
N ASP B 17 37.24 -9.51 16.65
CA ASP B 17 38.49 -9.92 16.02
C ASP B 17 38.66 -9.34 14.63
N SER B 18 37.97 -8.24 14.33
CA SER B 18 38.07 -7.61 13.02
C SER B 18 37.87 -6.11 13.17
N GLU B 19 37.29 -5.48 12.15
CA GLU B 19 37.05 -4.05 12.18
C GLU B 19 35.81 -3.78 11.36
N MET B 20 35.10 -2.71 11.70
CA MET B 20 33.94 -2.30 10.95
C MET B 20 34.04 -0.83 10.58
N SER B 21 33.55 -0.52 9.40
CA SER B 21 33.46 0.85 8.90
C SER B 21 32.02 1.33 9.08
N TYR B 22 31.85 2.60 9.42
CA TYR B 22 30.51 3.13 9.63
C TYR B 22 30.50 4.65 9.43
N TYR B 23 29.35 5.13 8.97
CA TYR B 23 29.11 6.56 8.95
C TYR B 23 28.58 6.99 10.31
N ASP B 24 29.03 8.15 10.79
CA ASP B 24 28.53 8.72 12.04
C ASP B 24 28.53 10.23 11.87
N SER B 25 27.34 10.83 11.82
CA SER B 25 27.24 12.26 11.60
C SER B 25 27.62 13.08 12.82
N ASP B 26 27.66 12.50 14.01
CA ASP B 26 27.98 13.28 15.21
C ASP B 26 28.58 12.39 16.30
N PRO B 27 29.84 11.98 16.15
CA PRO B 27 30.42 10.95 17.03
C PRO B 27 30.27 11.25 18.51
N GLY B 28 29.79 10.24 19.24
CA GLY B 28 29.71 10.27 20.69
C GLY B 28 28.50 10.97 21.26
N LYS B 29 27.71 11.67 20.46
CA LYS B 29 26.64 12.48 21.03
C LYS B 29 25.43 11.61 21.39
N HIS B 30 24.74 12.01 22.45
CA HIS B 30 23.56 11.30 22.92
C HIS B 30 22.27 12.07 22.63
N LYS B 31 22.30 13.00 21.69
CA LYS B 31 21.09 13.57 21.12
C LYS B 31 20.32 12.48 20.37
N ASN B 32 19.13 12.83 19.87
CA ASN B 32 18.31 11.90 19.09
C ASN B 32 19.19 11.19 18.06
N THR B 33 19.11 9.85 18.04
CA THR B 33 20.03 9.03 17.25
C THR B 33 19.28 8.00 16.42
N VAL B 34 19.67 7.87 15.14
CA VAL B 34 19.05 6.95 14.19
C VAL B 34 20.13 6.07 13.59
N ILE B 35 19.89 4.76 13.56
CA ILE B 35 20.84 3.79 13.01
C ILE B 35 20.23 3.17 11.77
N PHE B 36 20.96 3.23 10.66
CA PHE B 36 20.51 2.74 9.35
C PHE B 36 21.25 1.45 9.03
N LEU B 37 20.49 0.38 8.77
CA LEU B 37 21.05 -0.96 8.56
C LEU B 37 20.73 -1.45 7.15
N HIS B 38 21.76 -1.60 6.32
CA HIS B 38 21.64 -2.15 4.98
C HIS B 38 21.57 -3.68 5.02
N GLY B 39 21.31 -4.28 3.85
CA GLY B 39 21.29 -5.73 3.71
C GLY B 39 22.15 -6.20 2.55
N ASN B 40 21.67 -7.24 1.87
CA ASN B 40 22.48 -7.88 0.83
C ASN B 40 22.09 -7.34 -0.54
N PRO B 41 23.05 -7.04 -1.43
CA PRO B 41 24.52 -7.11 -1.30
C PRO B 41 25.10 -5.70 -1.22
N THR B 42 24.51 -4.86 -0.36
CA THR B 42 24.79 -3.43 -0.34
C THR B 42 25.73 -3.10 0.81
N SER B 43 25.73 -1.84 1.23
CA SER B 43 26.57 -1.34 2.31
C SER B 43 25.92 -0.06 2.81
N SER B 44 26.62 0.64 3.70
CA SER B 44 26.11 1.93 4.18
C SER B 44 25.88 2.92 3.04
N TYR B 45 26.57 2.72 1.91
CA TYR B 45 26.40 3.55 0.71
C TYR B 45 24.93 3.61 0.28
N LEU B 46 24.16 2.56 0.57
CA LEU B 46 22.75 2.51 0.21
C LEU B 46 21.96 3.69 0.76
N TRP B 47 22.38 4.23 1.91
CA TRP B 47 21.64 5.25 2.62
C TRP B 47 22.16 6.66 2.34
N ARG B 48 23.11 6.82 1.44
CA ARG B 48 23.78 8.11 1.24
C ARG B 48 22.82 9.23 0.89
N ASN B 49 21.74 8.96 0.17
CA ASN B 49 20.80 9.99 -0.22
C ASN B 49 19.58 10.05 0.68
N VAL B 50 19.47 9.13 1.63
CA VAL B 50 18.39 9.17 2.61
C VAL B 50 18.82 9.96 3.84
N ILE B 51 20.01 9.68 4.34
CA ILE B 51 20.56 10.29 5.55
C ILE B 51 20.51 11.82 5.56
N PRO B 52 20.80 12.53 4.45
CA PRO B 52 20.76 14.00 4.53
C PRO B 52 19.41 14.58 4.96
N HIS B 53 18.31 13.85 4.77
CA HIS B 53 17.01 14.33 5.22
C HIS B 53 16.82 14.15 6.71
N VAL B 54 17.62 13.30 7.34
CA VAL B 54 17.47 12.98 8.74
C VAL B 54 18.53 13.64 9.61
N GLU B 55 19.81 13.84 9.08
CA GLU B 55 20.76 14.55 9.89
C GLU B 55 20.37 15.87 10.53
N PRO B 56 19.64 16.71 9.94
CA PRO B 56 19.31 17.88 10.73
C PRO B 56 18.58 17.57 12.02
N LEU B 57 17.94 16.42 12.15
CA LEU B 57 17.16 16.07 13.32
C LEU B 57 17.84 15.08 14.24
N ALA B 58 18.93 14.43 13.80
CA ALA B 58 19.43 13.32 14.59
C ALA B 58 20.88 13.05 14.23
N ARG B 59 21.59 12.49 15.20
CA ARG B 59 22.82 11.78 14.93
C ARG B 59 22.48 10.54 14.12
N CYS B 60 23.08 10.40 12.95
CA CYS B 60 22.82 9.30 12.05
C CYS B 60 24.05 8.40 11.95
N LEU B 61 23.85 7.12 12.22
CA LEU B 61 24.89 6.11 12.07
C LEU B 61 24.47 5.10 11.01
N ALA B 62 25.44 4.60 10.24
CA ALA B 62 25.17 3.59 9.21
C ALA B 62 26.39 2.70 9.09
N PRO B 63 26.36 1.52 9.71
CA PRO B 63 27.51 0.62 9.62
C PRO B 63 27.48 -0.22 8.36
N ASP B 64 28.68 -0.60 7.92
CA ASP B 64 28.85 -1.66 6.94
C ASP B 64 28.86 -2.98 7.70
N LEU B 65 27.97 -3.90 7.35
CA LEU B 65 28.00 -5.21 7.98
C LEU B 65 29.36 -5.89 7.74
N ILE B 66 29.71 -6.81 8.64
CA ILE B 66 31.01 -7.47 8.54
C ILE B 66 31.11 -8.17 7.19
N GLY B 67 32.29 -8.09 6.57
CA GLY B 67 32.48 -8.65 5.26
C GLY B 67 31.94 -7.83 4.11
N MET B 68 31.29 -6.71 4.40
CA MET B 68 30.63 -5.88 3.39
C MET B 68 31.16 -4.45 3.49
N GLY B 69 30.90 -3.68 2.44
CA GLY B 69 31.40 -2.31 2.41
C GLY B 69 32.89 -2.27 2.67
N LYS B 70 33.28 -1.39 3.59
CA LYS B 70 34.68 -1.28 4.00
C LYS B 70 34.96 -1.98 5.33
N SER B 71 34.03 -2.80 5.82
CA SER B 71 34.30 -3.58 7.02
C SER B 71 35.22 -4.77 6.68
N GLY B 72 35.80 -5.35 7.72
CA GLY B 72 36.78 -6.40 7.53
C GLY B 72 36.19 -7.69 6.97
N LYS B 73 37.04 -8.44 6.28
CA LYS B 73 36.71 -9.79 5.83
C LYS B 73 37.17 -10.81 6.86
N LEU B 74 36.32 -11.80 7.13
CA LEU B 74 36.62 -12.82 8.15
C LEU B 74 37.32 -14.03 7.53
N PRO B 75 38.47 -14.45 8.08
CA PRO B 75 39.28 -15.49 7.42
C PRO B 75 38.71 -16.90 7.52
N ASN B 76 37.67 -17.15 8.33
CA ASN B 76 36.96 -18.41 8.27
C ASN B 76 35.83 -18.39 7.25
N HIS B 77 35.59 -17.25 6.61
CA HIS B 77 34.54 -17.08 5.59
C HIS B 77 33.16 -17.44 6.12
N SER B 78 32.93 -17.26 7.42
CA SER B 78 31.65 -17.61 8.05
C SER B 78 30.85 -16.33 8.29
N TYR B 79 29.79 -16.16 7.51
CA TYR B 79 28.98 -14.97 7.50
C TYR B 79 27.50 -15.32 7.65
N ARG B 80 27.20 -16.26 8.53
CA ARG B 80 25.82 -16.59 8.83
C ARG B 80 25.18 -15.45 9.62
N PHE B 81 23.85 -15.48 9.72
CA PHE B 81 23.14 -14.46 10.48
C PHE B 81 23.75 -14.29 11.86
N VAL B 82 24.07 -15.40 12.53
CA VAL B 82 24.59 -15.30 13.90
C VAL B 82 25.96 -14.63 13.92
N ASP B 83 26.76 -14.79 12.87
CA ASP B 83 28.05 -14.10 12.80
C ASP B 83 27.84 -12.60 12.60
N HIS B 84 26.95 -12.24 11.68
CA HIS B 84 26.63 -10.83 11.49
C HIS B 84 26.09 -10.21 12.77
N TYR B 85 25.24 -10.96 13.50
CA TYR B 85 24.63 -10.39 14.69
C TYR B 85 25.64 -10.22 15.80
N ARG B 86 26.57 -11.17 15.94
CA ARG B 86 27.67 -11.02 16.90
C ARG B 86 28.47 -9.77 16.62
N TYR B 87 28.79 -9.52 15.34
CA TYR B 87 29.55 -8.32 14.97
C TYR B 87 28.73 -7.05 15.15
N LEU B 88 27.47 -7.06 14.68
CA LEU B 88 26.65 -5.86 14.77
C LEU B 88 26.39 -5.50 16.22
N SER B 89 26.11 -6.50 17.06
CA SER B 89 25.87 -6.23 18.49
CA SER B 89 25.86 -6.22 18.48
C SER B 89 27.10 -5.61 19.13
N ALA B 90 28.27 -6.12 18.82
CA ALA B 90 29.49 -5.53 19.37
C ALA B 90 29.70 -4.12 18.84
N TRP B 91 29.32 -3.87 17.59
CA TRP B 91 29.41 -2.51 17.05
C TRP B 91 28.49 -1.55 17.79
N PHE B 92 27.24 -1.98 18.05
CA PHE B 92 26.32 -1.14 18.80
C PHE B 92 26.93 -0.74 20.13
N ASP B 93 27.63 -1.66 20.79
CA ASP B 93 28.23 -1.37 22.08
C ASP B 93 29.52 -0.55 21.97
N SER B 94 30.00 -0.30 20.77
CA SER B 94 31.28 0.39 20.56
C SER B 94 31.13 1.84 20.13
N VAL B 95 29.92 2.28 19.78
CA VAL B 95 29.76 3.60 19.16
C VAL B 95 29.06 4.59 20.09
N ASN B 96 29.01 4.30 21.39
CA ASN B 96 28.56 5.28 22.40
C ASN B 96 27.17 5.82 22.10
N LEU B 97 26.20 4.91 22.11
CA LEU B 97 24.84 5.31 21.76
C LEU B 97 24.11 5.85 22.98
N PRO B 98 23.07 6.66 22.74
CA PRO B 98 22.19 7.09 23.85
C PRO B 98 21.30 5.96 24.32
N GLU B 99 20.48 6.23 25.35
CA GLU B 99 19.72 5.16 25.97
C GLU B 99 18.69 4.52 25.04
N LYS B 100 18.11 5.30 24.12
CA LYS B 100 17.21 4.75 23.13
C LYS B 100 17.59 5.26 21.76
N VAL B 101 17.34 4.43 20.74
CA VAL B 101 17.65 4.75 19.36
C VAL B 101 16.47 4.36 18.48
N THR B 102 16.41 4.99 17.30
CA THR B 102 15.53 4.56 16.22
C THR B 102 16.35 3.73 15.23
N ILE B 103 15.78 2.62 14.78
CA ILE B 103 16.39 1.75 13.77
C ILE B 103 15.64 1.93 12.46
N VAL B 104 16.37 2.23 11.40
CA VAL B 104 15.87 2.23 10.03
C VAL B 104 16.55 1.07 9.32
N CYS B 105 15.79 0.18 8.69
CA CYS B 105 16.40 -1.06 8.25
C CYS B 105 15.77 -1.58 6.97
N HIS B 106 16.55 -2.39 6.26
CA HIS B 106 16.20 -2.88 4.94
C HIS B 106 16.75 -4.30 4.80
N ASP B 107 15.96 -5.19 4.22
CA ASP B 107 16.45 -6.53 3.82
C ASP B 107 17.08 -7.21 5.04
N TRP B 108 18.26 -7.80 4.95
CA TRP B 108 18.85 -8.46 6.10
C TRP B 108 19.21 -7.50 7.22
N GLY B 109 19.36 -6.20 6.92
CA GLY B 109 19.51 -5.23 7.99
C GLY B 109 18.31 -5.22 8.92
N SER B 110 17.13 -5.48 8.37
CA SER B 110 15.95 -5.59 9.21
C SER B 110 15.95 -6.89 10.01
N GLY B 111 16.42 -7.99 9.41
CA GLY B 111 16.56 -9.22 10.20
C GLY B 111 17.46 -9.00 11.40
N LEU B 112 18.61 -8.36 11.19
CA LEU B 112 19.52 -8.08 12.29
C LEU B 112 18.95 -7.04 13.24
N GLY B 113 18.33 -5.99 12.69
CA GLY B 113 17.76 -4.94 13.52
C GLY B 113 16.57 -5.41 14.34
N PHE B 114 15.65 -6.15 13.72
CA PHE B 114 14.51 -6.67 14.47
C PHE B 114 14.98 -7.58 15.60
N HIS B 115 15.96 -8.45 15.33
CA HIS B 115 16.48 -9.32 16.39
C HIS B 115 17.13 -8.50 17.49
N TRP B 116 17.95 -7.50 17.11
CA TRP B 116 18.56 -6.65 18.13
C TRP B 116 17.50 -5.97 19.00
N CYS B 117 16.45 -5.44 18.38
CA CYS B 117 15.38 -4.79 19.13
C CYS B 117 14.69 -5.77 20.06
N ASN B 118 14.45 -6.99 19.57
CA ASN B 118 13.78 -7.99 20.39
C ASN B 118 14.62 -8.37 21.60
N GLU B 119 15.94 -8.33 21.47
CA GLU B 119 16.83 -8.64 22.58
C GLU B 119 17.20 -7.43 23.44
N HIS B 120 16.82 -6.22 23.02
CA HIS B 120 17.16 -4.99 23.72
C HIS B 120 15.94 -4.06 23.71
N ARG B 121 14.83 -4.56 24.24
CA ARG B 121 13.54 -3.91 24.02
C ARG B 121 13.47 -2.53 24.65
N ASP B 122 14.21 -2.30 25.72
CA ASP B 122 14.19 -1.02 26.40
C ASP B 122 15.10 0.01 25.75
N ARG B 123 15.74 -0.33 24.63
CA ARG B 123 16.62 0.59 23.91
C ARG B 123 15.97 1.11 22.64
N VAL B 124 14.73 0.74 22.35
CA VAL B 124 14.12 0.98 21.04
C VAL B 124 13.10 2.11 21.16
N LYS B 125 13.36 3.22 20.46
CA LYS B 125 12.42 4.35 20.38
C LYS B 125 11.49 4.27 19.17
N GLY B 126 11.85 3.53 18.14
CA GLY B 126 11.04 3.43 16.95
C GLY B 126 11.77 2.56 15.95
N ILE B 127 11.01 2.03 14.99
CA ILE B 127 11.55 1.16 13.95
C ILE B 127 10.93 1.55 12.63
N VAL B 128 11.75 1.91 11.65
CA VAL B 128 11.34 2.11 10.26
C VAL B 128 11.90 0.94 9.47
N HIS B 129 11.02 0.23 8.74
CA HIS B 129 11.48 -0.93 7.97
C HIS B 129 10.90 -0.91 6.58
N MET B 130 11.63 -1.54 5.65
CA MET B 130 11.24 -1.53 4.25
C MET B 130 11.88 -2.75 3.60
N GLU B 131 11.12 -3.43 2.75
CA GLU B 131 11.59 -4.65 2.08
C GLU B 131 12.33 -5.55 3.07
N SER B 132 11.63 -5.85 4.14
CA SER B 132 12.18 -6.38 5.39
C SER B 132 11.84 -7.86 5.56
N VAL B 133 12.52 -8.48 6.52
CA VAL B 133 12.33 -9.88 6.86
C VAL B 133 11.42 -9.90 8.09
N VAL B 134 10.12 -10.01 7.88
CA VAL B 134 9.15 -9.86 8.98
C VAL B 134 8.61 -11.19 9.49
N SER B 135 8.80 -12.28 8.75
N SER B 135 8.80 -12.28 8.75
CA SER B 135 8.26 -13.58 9.13
CA SER B 135 8.26 -13.57 9.14
C SER B 135 8.99 -14.65 8.35
C SER B 135 8.97 -14.65 8.33
N PRO B 136 8.96 -15.90 8.81
CA PRO B 136 9.47 -16.99 7.98
C PRO B 136 8.54 -17.23 6.80
N LEU B 137 9.10 -17.77 5.73
CA LEU B 137 8.29 -18.13 4.58
C LEU B 137 7.64 -19.49 4.83
N LYS B 138 6.36 -19.59 4.47
CA LYS B 138 5.66 -20.87 4.63
C LYS B 138 6.31 -21.98 3.83
N GLY B 139 7.03 -21.63 2.78
CA GLY B 139 7.60 -22.59 1.87
C GLY B 139 8.02 -21.86 0.61
N TRP B 140 8.62 -22.61 -0.30
CA TRP B 140 9.07 -22.00 -1.55
C TRP B 140 7.92 -21.40 -2.34
N GLU B 141 6.69 -21.86 -2.07
CA GLU B 141 5.53 -21.32 -2.78
C GLU B 141 5.33 -19.84 -2.50
N SER B 142 5.82 -19.35 -1.37
CA SER B 142 5.67 -17.95 -0.99
C SER B 142 6.82 -17.07 -1.45
N PHE B 143 7.82 -17.63 -2.13
CA PHE B 143 8.86 -16.79 -2.70
C PHE B 143 8.41 -16.32 -4.08
N PRO B 144 8.60 -15.03 -4.39
CA PRO B 144 8.16 -14.49 -5.69
C PRO B 144 8.58 -15.37 -6.86
N GLU B 145 7.60 -15.67 -7.73
CA GLU B 145 7.79 -16.70 -8.74
C GLU B 145 8.91 -16.34 -9.71
N THR B 146 9.07 -15.06 -10.02
CA THR B 146 10.09 -14.64 -10.98
C THR B 146 11.51 -14.81 -10.46
N ALA B 147 11.69 -15.01 -9.16
CA ALA B 147 13.01 -15.17 -8.57
C ALA B 147 13.22 -16.54 -7.96
N ARG B 148 12.20 -17.39 -7.96
CA ARG B 148 12.27 -18.65 -7.22
C ARG B 148 13.38 -19.56 -7.73
N ASP B 149 13.49 -19.71 -9.05
CA ASP B 149 14.52 -20.60 -9.59
C ASP B 149 15.92 -20.10 -9.24
N ILE B 150 16.13 -18.78 -9.30
CA ILE B 150 17.46 -18.23 -9.01
C ILE B 150 17.84 -18.46 -7.55
N PHE B 151 16.91 -18.22 -6.63
CA PHE B 151 17.24 -18.41 -5.22
C PHE B 151 17.36 -19.89 -4.86
N GLN B 152 16.61 -20.76 -5.54
CA GLN B 152 16.82 -22.18 -5.32
C GLN B 152 18.21 -22.60 -5.77
N ALA B 153 18.69 -22.01 -6.88
CA ALA B 153 20.03 -22.31 -7.36
C ALA B 153 21.10 -21.76 -6.44
N LEU B 154 20.90 -20.54 -5.94
CA LEU B 154 21.86 -19.94 -5.01
C LEU B 154 22.03 -20.80 -3.76
N ARG B 155 20.94 -21.43 -3.32
CA ARG B 155 21.00 -22.26 -2.12
C ARG B 155 21.53 -23.65 -2.41
N SER B 156 21.61 -24.04 -3.68
CA SER B 156 22.18 -25.32 -4.07
C SER B 156 23.69 -25.21 -4.22
N GLU B 157 24.33 -26.32 -4.59
CA GLU B 157 25.78 -26.31 -4.78
C GLU B 157 26.20 -25.40 -5.93
N ALA B 158 25.26 -25.01 -6.80
CA ALA B 158 25.61 -24.12 -7.90
C ALA B 158 25.89 -22.70 -7.42
N GLY B 159 25.53 -22.37 -6.18
CA GLY B 159 25.68 -21.01 -5.70
C GLY B 159 27.12 -20.53 -5.68
N GLU B 160 28.07 -21.43 -5.41
CA GLU B 160 29.46 -21.01 -5.31
C GLU B 160 29.96 -20.45 -6.63
N GLU B 161 29.70 -21.17 -7.73
CA GLU B 161 30.08 -20.66 -9.04
C GLU B 161 29.35 -19.37 -9.37
N MET B 162 28.04 -19.31 -9.07
CA MET B 162 27.25 -18.12 -9.40
C MET B 162 27.81 -16.88 -8.72
N VAL B 163 28.18 -16.98 -7.45
CA VAL B 163 28.54 -15.81 -6.67
C VAL B 163 30.05 -15.63 -6.56
N LEU B 164 30.76 -16.66 -6.09
CA LEU B 164 32.19 -16.50 -5.85
C LEU B 164 32.94 -16.24 -7.14
N LYS B 165 32.56 -16.93 -8.23
CA LYS B 165 33.23 -16.73 -9.50
C LYS B 165 32.60 -15.61 -10.33
N LYS B 166 31.26 -15.63 -10.47
CA LYS B 166 30.60 -14.72 -11.40
C LYS B 166 29.94 -13.51 -10.76
N ASN B 167 29.93 -13.40 -9.43
CA ASN B 167 29.43 -12.20 -8.74
C ASN B 167 27.96 -11.93 -9.06
N PHE B 168 27.15 -12.98 -9.09
CA PHE B 168 25.78 -12.91 -9.57
C PHE B 168 24.93 -11.92 -8.78
N PHE B 169 25.12 -11.85 -7.47
N PHE B 169 25.10 -11.86 -7.46
CA PHE B 169 24.27 -10.97 -6.67
CA PHE B 169 24.26 -10.96 -6.69
C PHE B 169 24.54 -9.50 -6.96
C PHE B 169 24.52 -9.51 -7.04
N ILE B 170 25.80 -9.15 -7.21
CA ILE B 170 26.15 -7.76 -7.52
C ILE B 170 25.81 -7.44 -8.97
N GLU B 171 26.19 -8.31 -9.90
CA GLU B 171 26.11 -7.99 -11.32
C GLU B 171 24.73 -8.22 -11.92
N ARG B 172 23.92 -9.09 -11.34
CA ARG B 172 22.62 -9.39 -11.92
C ARG B 172 21.46 -9.03 -11.01
N LEU B 173 21.44 -9.52 -9.77
CA LEU B 173 20.27 -9.29 -8.92
C LEU B 173 20.14 -7.82 -8.55
N LEU B 174 21.25 -7.18 -8.15
CA LEU B 174 21.19 -5.78 -7.74
C LEU B 174 20.62 -4.87 -8.81
N PRO B 175 21.15 -4.83 -10.05
CA PRO B 175 20.53 -3.95 -11.04
C PRO B 175 19.12 -4.38 -11.44
N SER B 176 18.80 -5.67 -11.33
CA SER B 176 17.46 -6.13 -11.68
C SER B 176 16.38 -5.54 -10.78
N SER B 177 16.73 -5.09 -9.58
CA SER B 177 15.73 -4.61 -8.65
C SER B 177 15.95 -3.13 -8.30
N ILE B 178 16.52 -2.39 -9.24
CA ILE B 178 16.53 -0.93 -9.24
C ILE B 178 15.84 -0.50 -10.52
N MET B 179 14.90 0.43 -10.42
CA MET B 179 14.12 0.81 -11.59
C MET B 179 14.94 1.62 -12.58
N ARG B 180 15.74 2.55 -12.09
CA ARG B 180 16.67 3.28 -12.95
C ARG B 180 17.93 2.44 -13.16
N LYS B 181 18.77 2.88 -14.09
CA LYS B 181 20.10 2.31 -14.24
C LYS B 181 21.07 3.17 -13.45
N LEU B 182 21.82 2.55 -12.55
CA LEU B 182 22.78 3.31 -11.75
C LEU B 182 23.84 3.93 -12.65
N SER B 183 24.38 5.06 -12.21
CA SER B 183 25.55 5.61 -12.88
C SER B 183 26.74 4.69 -12.66
N GLU B 184 27.79 4.91 -13.46
CA GLU B 184 29.00 4.11 -13.32
C GLU B 184 29.61 4.27 -11.93
N GLU B 185 29.61 5.49 -11.40
CA GLU B 185 30.18 5.73 -10.08
C GLU B 185 29.39 4.98 -9.01
N GLU B 186 28.06 4.95 -9.14
CA GLU B 186 27.23 4.28 -8.15
C GLU B 186 27.43 2.77 -8.21
N MET B 187 27.40 2.20 -9.42
CA MET B 187 27.62 0.76 -9.56
C MET B 187 29.00 0.37 -9.04
N ASP B 188 30.02 1.17 -9.34
CA ASP B 188 31.37 0.88 -8.87
C ASP B 188 31.45 0.87 -7.35
N ALA B 189 30.66 1.71 -6.68
CA ALA B 189 30.65 1.71 -5.22
C ALA B 189 30.10 0.40 -4.68
N TYR B 190 29.07 -0.16 -5.32
CA TYR B 190 28.56 -1.46 -4.90
C TYR B 190 29.52 -2.59 -5.25
N ARG B 191 30.25 -2.46 -6.36
CA ARG B 191 31.21 -3.50 -6.73
C ARG B 191 32.43 -3.51 -5.83
N GLU B 192 32.83 -2.34 -5.32
CA GLU B 192 34.12 -2.19 -4.64
C GLU B 192 34.44 -3.26 -3.60
N PRO B 193 33.53 -3.63 -2.67
CA PRO B 193 33.91 -4.63 -1.66
C PRO B 193 34.08 -6.03 -2.21
N PHE B 194 33.72 -6.29 -3.47
CA PHE B 194 33.63 -7.63 -4.02
C PHE B 194 34.41 -7.77 -5.32
N VAL B 195 35.39 -6.89 -5.55
CA VAL B 195 36.10 -6.92 -6.84
C VAL B 195 36.91 -8.19 -6.99
N GLU B 196 37.42 -8.75 -5.89
CA GLU B 196 38.28 -9.93 -5.96
C GLU B 196 37.44 -11.19 -6.05
N PRO B 197 37.52 -11.96 -7.14
CA PRO B 197 36.79 -13.24 -7.18
C PRO B 197 37.20 -14.13 -6.02
N GLY B 198 36.25 -14.94 -5.58
CA GLY B 198 36.51 -15.83 -4.47
C GLY B 198 35.75 -15.48 -3.20
N GLU B 199 36.36 -15.79 -2.06
CA GLU B 199 35.67 -15.73 -0.78
C GLU B 199 35.31 -14.32 -0.33
N SER B 200 35.90 -13.28 -0.95
CA SER B 200 35.48 -11.92 -0.62
C SER B 200 33.98 -11.74 -0.86
N ARG B 201 33.41 -12.50 -1.79
CA ARG B 201 32.00 -12.45 -2.16
C ARG B 201 31.14 -13.37 -1.31
N ARG B 202 31.74 -14.16 -0.42
CA ARG B 202 30.95 -15.09 0.39
C ARG B 202 29.75 -14.46 1.11
N PRO B 203 29.82 -13.25 1.70
CA PRO B 203 28.60 -12.70 2.33
C PRO B 203 27.41 -12.65 1.40
N THR B 204 27.62 -12.36 0.11
CA THR B 204 26.49 -12.24 -0.80
C THR B 204 25.88 -13.58 -1.18
N LEU B 205 26.61 -14.68 -0.94
CA LEU B 205 26.09 -16.03 -1.12
C LEU B 205 25.50 -16.59 0.17
N THR B 206 26.10 -16.31 1.32
CA THR B 206 25.55 -16.86 2.55
C THR B 206 24.20 -16.21 2.90
N TRP B 207 24.03 -14.94 2.58
CA TRP B 207 22.75 -14.29 2.88
C TRP B 207 21.54 -15.01 2.28
N PRO B 208 21.49 -15.31 0.97
CA PRO B 208 20.31 -16.04 0.47
C PRO B 208 20.12 -17.40 1.09
N ARG B 209 21.21 -18.03 1.54
CA ARG B 209 21.14 -19.32 2.23
C ARG B 209 20.61 -19.19 3.66
N GLU B 210 20.46 -17.97 4.18
CA GLU B 210 19.89 -17.76 5.50
C GLU B 210 18.39 -17.47 5.46
N ILE B 211 17.81 -17.22 4.29
CA ILE B 211 16.40 -16.90 4.17
C ILE B 211 15.59 -17.98 4.87
N PRO B 212 14.75 -17.62 5.84
CA PRO B 212 14.03 -18.62 6.63
C PRO B 212 12.86 -19.24 5.90
N ILE B 213 13.03 -20.47 5.41
CA ILE B 213 12.00 -21.13 4.61
C ILE B 213 11.57 -22.38 5.38
N LYS B 214 10.32 -22.36 5.86
CA LYS B 214 9.81 -23.50 6.62
C LYS B 214 9.87 -24.76 5.79
N GLY B 215 10.18 -25.88 6.45
CA GLY B 215 10.37 -27.14 5.79
C GLY B 215 11.68 -27.26 5.03
N ASP B 216 12.48 -26.20 4.99
CA ASP B 216 13.77 -26.19 4.30
C ASP B 216 14.89 -25.82 5.25
N GLY B 217 14.77 -24.69 5.94
CA GLY B 217 15.81 -24.20 6.82
C GLY B 217 16.23 -22.80 6.42
N PRO B 218 17.21 -22.24 7.14
CA PRO B 218 17.88 -22.84 8.30
C PRO B 218 17.06 -22.70 9.57
N GLU B 219 17.12 -23.73 10.41
CA GLU B 219 16.28 -23.79 11.61
C GLU B 219 16.60 -22.66 12.58
N ASP B 220 17.88 -22.30 12.72
CA ASP B 220 18.22 -21.28 13.70
C ASP B 220 17.66 -19.92 13.29
N VAL B 221 17.70 -19.58 12.00
CA VAL B 221 17.14 -18.30 11.56
C VAL B 221 15.63 -18.31 11.66
N ILE B 222 14.99 -19.43 11.32
CA ILE B 222 13.54 -19.52 11.46
C ILE B 222 13.12 -19.21 12.89
N GLU B 223 13.80 -19.80 13.88
CA GLU B 223 13.42 -19.56 15.27
C GLU B 223 13.63 -18.09 15.66
N ILE B 224 14.72 -17.47 15.20
CA ILE B 224 15.00 -16.07 15.53
C ILE B 224 13.91 -15.19 14.94
N VAL B 225 13.54 -15.43 13.69
CA VAL B 225 12.54 -14.60 13.02
C VAL B 225 11.17 -14.80 13.63
N LYS B 226 10.81 -16.05 13.94
CA LYS B 226 9.56 -16.31 14.62
CA LYS B 226 9.55 -16.30 14.62
C LYS B 226 9.49 -15.55 15.95
N SER B 227 10.59 -15.53 16.69
CA SER B 227 10.60 -14.87 17.99
C SER B 227 10.40 -13.37 17.85
N TYR B 228 11.10 -12.73 16.91
CA TYR B 228 10.93 -11.28 16.82
C TYR B 228 9.62 -10.92 16.14
N ASN B 229 9.11 -11.79 15.27
CA ASN B 229 7.80 -11.55 14.70
C ASN B 229 6.73 -11.57 15.78
N LYS B 230 6.84 -12.49 16.74
CA LYS B 230 5.88 -12.54 17.84
C LYS B 230 5.93 -11.26 18.67
N TRP B 231 7.15 -10.79 18.99
CA TRP B 231 7.28 -9.54 19.73
C TRP B 231 6.72 -8.36 18.94
N LEU B 232 7.10 -8.24 17.67
CA LEU B 232 6.68 -7.08 16.89
C LEU B 232 5.17 -7.04 16.70
N SER B 233 4.55 -8.20 16.54
CA SER B 233 3.12 -8.23 16.25
C SER B 233 2.28 -7.77 17.43
N THR B 234 2.85 -7.66 18.62
CA THR B 234 2.13 -7.12 19.76
C THR B 234 2.83 -5.93 20.39
N SER B 235 3.74 -5.28 19.65
CA SER B 235 4.58 -4.20 20.20
C SER B 235 3.86 -2.85 20.17
N LYS B 236 2.76 -2.79 20.93
CA LYS B 236 1.90 -1.60 20.86
C LYS B 236 2.59 -0.33 21.31
N ASP B 237 3.68 -0.42 22.08
CA ASP B 237 4.35 0.76 22.59
C ASP B 237 5.55 1.20 21.75
N ILE B 238 5.89 0.48 20.69
CA ILE B 238 7.01 0.84 19.82
C ILE B 238 6.42 1.46 18.55
N PRO B 239 6.64 2.75 18.29
CA PRO B 239 6.17 3.33 17.03
C PRO B 239 6.93 2.72 15.86
N LYS B 240 6.21 2.34 14.83
CA LYS B 240 6.79 1.70 13.64
C LYS B 240 6.31 2.42 12.39
N LEU B 241 7.20 2.46 11.39
CA LEU B 241 6.87 2.97 10.08
C LEU B 241 7.28 1.92 9.07
N PHE B 242 6.32 1.46 8.29
CA PHE B 242 6.58 0.54 7.20
C PHE B 242 6.57 1.35 5.91
N ILE B 243 7.69 1.37 5.20
CA ILE B 243 7.75 2.04 3.90
C ILE B 243 7.53 0.97 2.85
N ASN B 244 6.37 1.02 2.23
CA ASN B 244 5.94 0.06 1.21
C ASN B 244 6.46 0.54 -0.13
N ALA B 245 7.05 -0.37 -0.90
CA ALA B 245 7.60 -0.05 -2.22
C ALA B 245 6.61 -0.55 -3.27
N ASP B 246 6.32 0.29 -4.25
CA ASP B 246 5.37 0.01 -5.33
C ASP B 246 6.16 -0.04 -6.63
N PRO B 247 6.25 -1.20 -7.30
CA PRO B 247 5.60 -2.47 -6.98
C PRO B 247 6.34 -3.30 -5.94
N GLY B 248 7.62 -2.99 -5.70
CA GLY B 248 8.39 -3.70 -4.70
C GLY B 248 8.72 -5.13 -5.08
N PHE B 249 9.30 -5.85 -4.12
CA PHE B 249 9.58 -7.28 -4.28
C PHE B 249 8.87 -8.06 -3.18
N PHE B 250 9.27 -7.91 -1.93
CA PHE B 250 8.56 -8.50 -0.81
C PHE B 250 7.50 -7.57 -0.21
N SER B 251 7.40 -6.31 -0.67
CA SER B 251 6.51 -5.34 -0.03
C SER B 251 5.07 -5.84 0.03
N ASN B 252 4.56 -6.39 -1.07
CA ASN B 252 3.20 -6.90 -1.09
C ASN B 252 2.97 -7.89 0.05
N ALA B 253 3.90 -8.83 0.23
CA ALA B 253 3.75 -9.82 1.29
C ALA B 253 3.89 -9.20 2.67
N ILE B 254 4.82 -8.25 2.82
CA ILE B 254 5.04 -7.62 4.11
C ILE B 254 3.80 -6.86 4.55
N LYS B 255 3.18 -6.14 3.61
CA LYS B 255 1.98 -5.40 3.95
C LYS B 255 0.90 -6.34 4.48
N LYS B 256 0.76 -7.52 3.85
CA LYS B 256 -0.20 -8.49 4.34
C LYS B 256 0.19 -9.01 5.73
N VAL B 257 1.46 -9.38 5.91
CA VAL B 257 1.89 -9.99 7.16
C VAL B 257 1.71 -9.03 8.33
N THR B 258 1.97 -7.75 8.12
CA THR B 258 2.04 -6.77 9.21
C THR B 258 0.78 -5.93 9.32
N LYS B 259 -0.29 -6.28 8.60
CA LYS B 259 -1.46 -5.41 8.52
C LYS B 259 -2.10 -5.15 9.88
N ASN B 260 -1.95 -6.07 10.83
CA ASN B 260 -2.54 -5.90 12.15
C ASN B 260 -1.51 -5.53 13.21
N TRP B 261 -0.29 -5.21 12.83
CA TRP B 261 0.71 -4.83 13.83
C TRP B 261 0.30 -3.52 14.47
N PRO B 262 0.33 -3.42 15.80
CA PRO B 262 -0.11 -2.19 16.46
C PRO B 262 0.95 -1.11 16.33
N ASN B 263 0.48 0.14 16.31
CA ASN B 263 1.37 1.30 16.30
C ASN B 263 2.31 1.27 15.08
N GLN B 264 1.76 0.97 13.91
CA GLN B 264 2.54 1.00 12.68
C GLN B 264 1.84 1.86 11.66
N LYS B 265 2.56 2.85 11.14
CA LYS B 265 2.08 3.67 10.03
C LYS B 265 2.72 3.17 8.75
N THR B 266 2.05 3.45 7.64
CA THR B 266 2.57 3.03 6.33
C THR B 266 2.56 4.19 5.35
N VAL B 267 3.65 4.29 4.59
CA VAL B 267 3.75 5.19 3.44
CA VAL B 267 3.72 5.18 3.43
C VAL B 267 4.22 4.35 2.26
N THR B 268 3.84 4.75 1.05
CA THR B 268 4.22 4.06 -0.16
C THR B 268 5.10 4.97 -1.01
N VAL B 269 6.19 4.39 -1.54
CA VAL B 269 7.07 5.07 -2.48
C VAL B 269 7.30 4.17 -3.67
N LYS B 270 7.77 4.77 -4.77
CA LYS B 270 8.11 4.02 -5.97
C LYS B 270 9.41 3.25 -5.75
N GLY B 271 9.41 1.98 -6.13
CA GLY B 271 10.65 1.23 -6.13
C GLY B 271 10.41 -0.26 -6.27
N LEU B 272 11.50 -0.97 -6.54
CA LEU B 272 11.50 -2.42 -6.46
C LEU B 272 12.13 -2.81 -5.13
N HIS B 273 13.00 -3.82 -5.08
CA HIS B 273 13.55 -4.18 -3.78
C HIS B 273 14.47 -3.10 -3.23
N PHE B 274 15.36 -2.54 -4.06
CA PHE B 274 16.31 -1.52 -3.59
C PHE B 274 15.72 -0.13 -3.74
N LEU B 275 14.61 0.09 -3.01
CA LEU B 275 13.82 1.30 -3.17
C LEU B 275 14.60 2.57 -2.86
N GLN B 276 15.65 2.49 -2.04
CA GLN B 276 16.46 3.66 -1.73
C GLN B 276 17.12 4.26 -2.96
N GLU B 277 17.31 3.46 -4.02
CA GLU B 277 17.93 3.98 -5.21
C GLU B 277 16.94 4.66 -6.14
N ASP B 278 15.64 4.43 -5.95
CA ASP B 278 14.64 5.06 -6.79
C ASP B 278 13.89 6.19 -6.11
N SER B 279 13.70 6.11 -4.79
CA SER B 279 12.97 7.14 -4.07
C SER B 279 13.63 7.56 -2.76
N PRO B 280 14.91 7.91 -2.75
CA PRO B 280 15.54 8.27 -1.46
C PRO B 280 14.97 9.54 -0.85
N GLU B 281 14.55 10.51 -1.67
CA GLU B 281 14.00 11.75 -1.14
C GLU B 281 12.74 11.49 -0.34
N GLU B 282 11.81 10.72 -0.92
CA GLU B 282 10.57 10.44 -0.21
C GLU B 282 10.79 9.58 1.02
N ILE B 283 11.75 8.64 0.95
CA ILE B 283 12.07 7.81 2.12
C ILE B 283 12.62 8.69 3.24
N GLY B 284 13.59 9.54 2.90
CA GLY B 284 14.15 10.43 3.90
C GLY B 284 13.12 11.36 4.50
N GLU B 285 12.25 11.93 3.65
CA GLU B 285 11.21 12.81 4.15
C GLU B 285 10.24 12.07 5.07
N ALA B 286 9.93 10.81 4.74
CA ALA B 286 9.04 10.03 5.60
C ALA B 286 9.67 9.73 6.95
N ILE B 287 10.97 9.40 6.96
CA ILE B 287 11.66 9.19 8.22
C ILE B 287 11.68 10.46 9.05
N ALA B 288 11.98 11.61 8.41
CA ALA B 288 12.00 12.87 9.12
C ALA B 288 10.65 13.15 9.77
N ASP B 289 9.56 12.96 9.01
CA ASP B 289 8.23 13.19 9.56
C ASP B 289 7.96 12.26 10.72
N PHE B 290 8.36 10.99 10.59
CA PHE B 290 8.19 10.02 11.66
C PHE B 290 8.91 10.47 12.92
N LEU B 291 10.15 10.94 12.78
CA LEU B 291 10.92 11.37 13.95
C LEU B 291 10.31 12.61 14.57
N ASN B 292 9.87 13.56 13.73
CA ASN B 292 9.27 14.78 14.27
C ASN B 292 8.00 14.48 15.05
N GLU B 293 7.23 13.47 14.61
CA GLU B 293 6.06 13.05 15.38
C GLU B 293 6.46 12.54 16.76
N LEU B 294 7.55 11.76 16.82
CA LEU B 294 8.00 11.22 18.10
C LEU B 294 8.39 12.32 19.08
N THR B 295 9.03 13.38 18.57
CA THR B 295 9.46 14.47 19.45
C THR B 295 8.28 15.10 20.19
N LYS B 296 7.07 14.98 19.67
CA LYS B 296 5.90 15.53 20.32
C LYS B 296 5.02 14.43 20.94
#